data_2MSO
#
_entry.id   2MSO
#
_entity_poly.entity_id   1
_entity_poly.type   'polypeptide(L)'
_entity_poly.pdbx_seq_one_letter_code
;SCNNSCQSHSDCASHCICTFRGCGAVNGLP
;
_entity_poly.pdbx_strand_id   A
#
# COMPACT_ATOMS: atom_id res chain seq x y z
N SER A 1 -5.67 5.49 2.48
CA SER A 1 -6.12 4.11 2.50
C SER A 1 -5.05 3.21 3.12
N CYS A 2 -3.87 3.20 2.54
CA CYS A 2 -2.77 2.37 3.04
C CYS A 2 -1.47 3.18 3.09
N ASN A 3 -1.03 3.50 4.30
CA ASN A 3 0.20 4.26 4.48
C ASN A 3 1.20 3.48 5.32
N ASN A 4 1.64 2.33 4.80
CA ASN A 4 2.60 1.50 5.51
C ASN A 4 3.62 0.91 4.53
N SER A 5 4.81 0.58 5.04
CA SER A 5 5.86 0.01 4.22
C SER A 5 5.55 -1.43 3.86
N CYS A 6 6.07 -1.87 2.71
CA CYS A 6 5.85 -3.25 2.26
C CYS A 6 6.67 -3.53 1.00
N GLN A 7 6.78 -4.81 0.65
CA GLN A 7 7.54 -5.22 -0.52
C GLN A 7 6.66 -6.04 -1.47
N SER A 8 5.92 -6.98 -0.91
CA SER A 8 5.05 -7.85 -1.70
C SER A 8 3.70 -8.04 -1.01
N HIS A 9 2.97 -6.94 -0.84
CA HIS A 9 1.67 -6.99 -0.20
C HIS A 9 1.75 -7.68 1.16
N SER A 10 2.91 -7.57 1.80
CA SER A 10 3.13 -8.19 3.11
C SER A 10 2.41 -7.41 4.20
N ASP A 11 2.43 -6.09 4.09
CA ASP A 11 1.78 -5.23 5.07
C ASP A 11 0.54 -4.56 4.47
N CYS A 12 0.53 -4.43 3.15
CA CYS A 12 -0.60 -3.81 2.45
C CYS A 12 -1.87 -4.63 2.63
N ALA A 13 -3.01 -4.02 2.37
CA ALA A 13 -4.30 -4.68 2.50
C ALA A 13 -5.39 -3.95 1.72
N SER A 14 -6.53 -4.61 1.54
CA SER A 14 -7.65 -4.01 0.81
C SER A 14 -7.23 -3.64 -0.61
N HIS A 15 -6.62 -4.59 -1.31
CA HIS A 15 -6.18 -4.37 -2.67
C HIS A 15 -5.32 -3.11 -2.77
N CYS A 16 -4.28 -3.04 -1.95
CA CYS A 16 -3.39 -1.89 -1.94
C CYS A 16 -2.03 -2.24 -2.54
N ILE A 17 -1.70 -1.60 -3.66
CA ILE A 17 -0.44 -1.85 -4.34
C ILE A 17 0.74 -1.60 -3.40
N CYS A 18 1.81 -2.37 -3.59
CA CYS A 18 3.01 -2.24 -2.77
C CYS A 18 4.25 -2.06 -3.63
N THR A 19 5.09 -1.10 -3.27
CA THR A 19 6.31 -0.84 -4.00
C THR A 19 7.43 -0.38 -3.07
N PHE A 20 8.57 0.00 -3.66
CA PHE A 20 9.71 0.46 -2.88
C PHE A 20 9.33 1.65 -2.01
N ARG A 21 8.30 2.38 -2.43
CA ARG A 21 7.84 3.54 -1.68
C ARG A 21 6.69 3.18 -0.75
N GLY A 22 6.64 1.90 -0.36
CA GLY A 22 5.59 1.45 0.53
C GLY A 22 4.31 1.11 -0.21
N CYS A 23 3.20 1.08 0.51
CA CYS A 23 1.90 0.76 -0.08
C CYS A 23 1.27 2.01 -0.70
N GLY A 24 0.25 1.79 -1.54
CA GLY A 24 -0.42 2.89 -2.18
C GLY A 24 -1.93 2.82 -2.05
N ALA A 25 -2.60 3.95 -2.22
CA ALA A 25 -4.06 4.00 -2.12
C ALA A 25 -4.68 4.37 -3.45
N VAL A 26 -6.01 4.35 -3.51
CA VAL A 26 -6.74 4.68 -4.74
C VAL A 26 -7.49 6.00 -4.58
N ASN A 27 -7.58 6.75 -5.67
CA ASN A 27 -8.28 8.03 -5.66
C ASN A 27 -7.68 8.97 -4.62
N GLY A 28 -6.40 8.76 -4.32
CA GLY A 28 -5.72 9.60 -3.34
C GLY A 28 -6.40 9.57 -1.99
N LEU A 29 -6.76 8.37 -1.54
CA LEU A 29 -7.43 8.21 -0.25
C LEU A 29 -6.42 7.89 0.85
N PRO A 30 -6.81 8.11 2.11
CA PRO A 30 -5.96 7.85 3.28
C PRO A 30 -5.74 6.36 3.50
N SER A 1 -5.98 5.21 3.23
CA SER A 1 -6.23 3.85 3.69
C SER A 1 -4.92 3.12 3.96
N CYS A 2 -4.23 2.74 2.90
CA CYS A 2 -2.96 2.04 3.02
C CYS A 2 -1.79 3.01 2.99
N ASN A 3 -1.19 3.25 4.15
CA ASN A 3 -0.06 4.16 4.25
C ASN A 3 1.20 3.42 4.71
N ASN A 4 1.01 2.32 5.42
CA ASN A 4 2.13 1.51 5.91
C ASN A 4 3.07 1.15 4.77
N SER A 5 4.28 0.73 5.12
CA SER A 5 5.28 0.35 4.13
C SER A 5 5.20 -1.15 3.82
N CYS A 6 5.82 -1.54 2.71
CA CYS A 6 5.82 -2.94 2.30
C CYS A 6 6.67 -3.15 1.05
N GLN A 7 6.77 -4.39 0.61
CA GLN A 7 7.56 -4.71 -0.57
C GLN A 7 6.79 -5.65 -1.50
N SER A 8 6.22 -6.70 -0.93
CA SER A 8 5.45 -7.67 -1.72
C SER A 8 4.14 -8.02 -1.01
N HIS A 9 3.31 -7.01 -0.80
CA HIS A 9 2.02 -7.21 -0.15
C HIS A 9 2.19 -7.89 1.20
N SER A 10 3.31 -7.61 1.86
CA SER A 10 3.60 -8.21 3.16
C SER A 10 2.83 -7.51 4.27
N ASP A 11 2.65 -6.20 4.12
CA ASP A 11 1.93 -5.40 5.10
C ASP A 11 0.65 -4.82 4.51
N CYS A 12 0.62 -4.69 3.19
CA CYS A 12 -0.53 -4.15 2.49
C CYS A 12 -1.75 -5.07 2.65
N ALA A 13 -2.92 -4.55 2.33
CA ALA A 13 -4.16 -5.33 2.43
C ALA A 13 -5.29 -4.66 1.67
N SER A 14 -6.37 -5.40 1.47
CA SER A 14 -7.53 -4.88 0.75
C SER A 14 -7.15 -4.44 -0.65
N HIS A 15 -6.47 -5.33 -1.38
CA HIS A 15 -6.04 -5.04 -2.74
C HIS A 15 -5.27 -3.71 -2.80
N CYS A 16 -4.22 -3.61 -2.00
CA CYS A 16 -3.40 -2.40 -1.96
C CYS A 16 -2.03 -2.66 -2.56
N ILE A 17 -1.75 -2.02 -3.69
CA ILE A 17 -0.47 -2.17 -4.37
C ILE A 17 0.68 -1.83 -3.43
N CYS A 18 1.76 -2.61 -3.51
CA CYS A 18 2.92 -2.39 -2.68
C CYS A 18 4.16 -2.10 -3.52
N THR A 19 4.56 -0.83 -3.56
CA THR A 19 5.72 -0.42 -4.34
C THR A 19 6.90 -0.06 -3.43
N PHE A 20 7.99 0.38 -4.03
CA PHE A 20 9.18 0.76 -3.29
C PHE A 20 8.86 1.86 -2.27
N ARG A 21 7.79 2.61 -2.55
CA ARG A 21 7.38 3.69 -1.66
C ARG A 21 6.31 3.22 -0.68
N GLY A 22 6.25 1.90 -0.47
CA GLY A 22 5.27 1.35 0.44
C GLY A 22 3.94 1.06 -0.24
N CYS A 23 2.90 0.91 0.56
CA CYS A 23 1.57 0.62 0.04
C CYS A 23 0.89 1.91 -0.44
N GLY A 24 -0.27 1.77 -1.06
CA GLY A 24 -1.00 2.92 -1.56
C GLY A 24 -2.46 2.62 -1.78
N ALA A 25 -3.30 3.64 -1.59
CA ALA A 25 -4.74 3.49 -1.78
C ALA A 25 -5.21 4.15 -3.06
N VAL A 26 -6.42 3.83 -3.50
CA VAL A 26 -6.98 4.40 -4.71
C VAL A 26 -6.91 5.92 -4.69
N ASN A 27 -6.39 6.50 -5.77
CA ASN A 27 -6.27 7.95 -5.88
C ASN A 27 -5.41 8.50 -4.74
N GLY A 28 -4.52 7.67 -4.22
CA GLY A 28 -3.65 8.10 -3.13
C GLY A 28 -4.42 8.68 -1.97
N LEU A 29 -5.21 7.84 -1.31
CA LEU A 29 -6.00 8.28 -0.17
C LEU A 29 -5.56 7.58 1.11
N PRO A 30 -5.91 8.16 2.26
CA PRO A 30 -5.56 7.61 3.57
C PRO A 30 -6.33 6.33 3.88
N SER A 1 -6.48 4.85 3.05
CA SER A 1 -6.71 3.45 3.41
C SER A 1 -5.38 2.75 3.72
N CYS A 2 -4.58 2.53 2.69
CA CYS A 2 -3.29 1.86 2.85
C CYS A 2 -2.15 2.88 2.78
N ASN A 3 -1.48 3.09 3.91
CA ASN A 3 -0.36 4.03 3.97
C ASN A 3 0.76 3.47 4.83
N ASN A 4 1.25 2.30 4.48
CA ASN A 4 2.33 1.65 5.22
C ASN A 4 3.43 1.16 4.28
N SER A 5 4.58 0.83 4.84
CA SER A 5 5.70 0.35 4.06
C SER A 5 5.54 -1.13 3.72
N CYS A 6 6.02 -1.52 2.55
CA CYS A 6 5.93 -2.92 2.11
C CYS A 6 6.74 -3.14 0.84
N GLN A 7 6.66 -4.35 0.29
CA GLN A 7 7.39 -4.69 -0.92
C GLN A 7 6.55 -5.61 -1.82
N SER A 8 5.99 -6.66 -1.22
CA SER A 8 5.18 -7.61 -1.96
C SER A 8 3.89 -7.92 -1.20
N HIS A 9 3.06 -6.91 -1.00
CA HIS A 9 1.80 -7.07 -0.30
C HIS A 9 2.02 -7.75 1.06
N SER A 10 3.19 -7.52 1.65
CA SER A 10 3.52 -8.10 2.94
C SER A 10 2.78 -7.40 4.07
N ASP A 11 2.65 -6.09 3.94
CA ASP A 11 1.96 -5.28 4.96
C ASP A 11 0.70 -4.64 4.37
N CYS A 12 0.67 -4.48 3.06
CA CYS A 12 -0.46 -3.88 2.38
C CYS A 12 -1.74 -4.65 2.67
N ALA A 13 -2.88 -4.02 2.44
CA ALA A 13 -4.18 -4.65 2.68
C ALA A 13 -5.19 -4.24 1.62
N SER A 14 -6.35 -4.89 1.63
CA SER A 14 -7.41 -4.60 0.67
C SER A 14 -6.87 -4.66 -0.76
N HIS A 15 -5.89 -5.54 -0.97
CA HIS A 15 -5.28 -5.70 -2.29
C HIS A 15 -4.61 -4.40 -2.74
N CYS A 16 -4.04 -3.68 -1.79
CA CYS A 16 -3.37 -2.42 -2.08
C CYS A 16 -1.97 -2.67 -2.65
N ILE A 17 -1.69 -2.07 -3.80
CA ILE A 17 -0.39 -2.23 -4.45
C ILE A 17 0.74 -1.89 -3.49
N CYS A 18 1.89 -2.53 -3.70
CA CYS A 18 3.06 -2.30 -2.86
C CYS A 18 4.30 -2.04 -3.71
N THR A 19 4.73 -0.78 -3.74
CA THR A 19 5.91 -0.39 -4.51
C THR A 19 7.09 -0.07 -3.60
N PHE A 20 8.19 0.36 -4.19
CA PHE A 20 9.39 0.70 -3.44
C PHE A 20 9.09 1.80 -2.42
N ARG A 21 8.04 2.58 -2.68
CA ARG A 21 7.66 3.67 -1.79
C ARG A 21 6.54 3.22 -0.85
N GLY A 22 6.46 1.92 -0.61
CA GLY A 22 5.44 1.39 0.27
C GLY A 22 4.14 1.11 -0.45
N CYS A 23 3.04 1.04 0.30
CA CYS A 23 1.74 0.78 -0.27
C CYS A 23 1.04 2.08 -0.68
N GLY A 24 -0.18 1.96 -1.18
CA GLY A 24 -0.92 3.13 -1.60
C GLY A 24 -2.36 2.81 -1.96
N ALA A 25 -3.27 3.75 -1.69
CA ALA A 25 -4.68 3.56 -1.99
C ALA A 25 -5.07 4.29 -3.27
N VAL A 26 -6.21 3.90 -3.85
CA VAL A 26 -6.69 4.51 -5.07
C VAL A 26 -6.77 6.02 -4.93
N ASN A 27 -6.24 6.74 -5.92
CA ASN A 27 -6.25 8.20 -5.90
C ASN A 27 -5.53 8.73 -4.68
N GLY A 28 -4.62 7.93 -4.13
CA GLY A 28 -3.87 8.34 -2.96
C GLY A 28 -4.78 8.80 -1.83
N LEU A 29 -5.49 7.86 -1.21
CA LEU A 29 -6.39 8.17 -0.11
C LEU A 29 -6.02 7.39 1.14
N PRO A 30 -6.49 7.87 2.30
CA PRO A 30 -6.23 7.23 3.59
C PRO A 30 -6.94 5.90 3.73
N SER A 1 -6.55 4.09 2.80
CA SER A 1 -6.57 2.64 2.65
C SER A 1 -5.15 2.08 2.71
N CYS A 2 -4.22 2.77 2.06
CA CYS A 2 -2.83 2.34 2.03
C CYS A 2 -1.92 3.39 2.65
N ASN A 3 -1.51 3.15 3.90
CA ASN A 3 -0.64 4.07 4.62
C ASN A 3 0.31 3.32 5.54
N ASN A 4 1.17 2.49 4.95
CA ASN A 4 2.13 1.71 5.72
C ASN A 4 3.33 1.33 4.86
N SER A 5 4.30 0.65 5.48
CA SER A 5 5.50 0.22 4.77
C SER A 5 5.40 -1.24 4.36
N CYS A 6 5.86 -1.54 3.15
CA CYS A 6 5.83 -2.91 2.63
C CYS A 6 6.79 -3.06 1.45
N GLN A 7 6.92 -4.30 0.97
CA GLN A 7 7.81 -4.58 -0.15
C GLN A 7 7.12 -5.48 -1.17
N SER A 8 6.46 -6.53 -0.67
CA SER A 8 5.76 -7.47 -1.54
C SER A 8 4.41 -7.86 -0.94
N HIS A 9 3.53 -6.88 -0.79
CA HIS A 9 2.20 -7.11 -0.22
C HIS A 9 2.30 -7.79 1.14
N SER A 10 3.36 -7.45 1.88
CA SER A 10 3.57 -8.03 3.20
C SER A 10 2.68 -7.36 4.24
N ASP A 11 2.72 -6.03 4.27
CA ASP A 11 1.91 -5.26 5.22
C ASP A 11 0.64 -4.74 4.55
N CYS A 12 0.72 -4.51 3.24
CA CYS A 12 -0.44 -4.02 2.49
C CYS A 12 -1.65 -4.90 2.71
N ALA A 13 -2.82 -4.28 2.81
CA ALA A 13 -4.07 -5.00 3.03
C ALA A 13 -5.24 -4.30 2.35
N SER A 14 -6.35 -5.01 2.23
CA SER A 14 -7.55 -4.45 1.59
C SER A 14 -7.25 -4.01 0.17
N HIS A 15 -6.73 -4.93 -0.64
CA HIS A 15 -6.39 -4.63 -2.03
C HIS A 15 -5.52 -3.38 -2.12
N CYS A 16 -4.40 -3.39 -1.41
CA CYS A 16 -3.48 -2.26 -1.42
C CYS A 16 -2.20 -2.61 -2.17
N ILE A 17 -1.95 -1.90 -3.27
CA ILE A 17 -0.76 -2.12 -4.07
C ILE A 17 0.51 -1.74 -3.31
N CYS A 18 1.44 -2.68 -3.22
CA CYS A 18 2.70 -2.43 -2.52
C CYS A 18 3.85 -2.26 -3.51
N THR A 19 4.67 -1.24 -3.29
CA THR A 19 5.80 -0.97 -4.16
C THR A 19 7.01 -0.52 -3.35
N PHE A 20 8.08 -0.14 -4.05
CA PHE A 20 9.30 0.32 -3.40
C PHE A 20 9.01 1.48 -2.46
N ARG A 21 7.94 2.22 -2.74
CA ARG A 21 7.56 3.35 -1.92
C ARG A 21 6.45 2.98 -0.94
N GLY A 22 6.40 1.69 -0.57
CA GLY A 22 5.38 1.22 0.35
C GLY A 22 4.05 1.00 -0.33
N CYS A 23 2.98 0.99 0.47
CA CYS A 23 1.64 0.79 -0.06
C CYS A 23 0.99 2.12 -0.42
N GLY A 24 0.30 2.14 -1.56
CA GLY A 24 -0.35 3.35 -2.01
C GLY A 24 -1.81 3.12 -2.38
N ALA A 25 -2.66 4.09 -2.06
CA ALA A 25 -4.07 3.99 -2.37
C ALA A 25 -4.48 4.96 -3.49
N VAL A 26 -5.56 4.63 -4.18
CA VAL A 26 -6.04 5.48 -5.28
C VAL A 26 -6.24 6.91 -4.82
N ASN A 27 -5.64 7.85 -5.55
CA ASN A 27 -5.76 9.27 -5.22
C ASN A 27 -5.19 9.54 -3.83
N GLY A 28 -4.36 8.63 -3.34
CA GLY A 28 -3.76 8.80 -2.02
C GLY A 28 -4.79 8.88 -0.92
N LEU A 29 -5.45 7.76 -0.64
CA LEU A 29 -6.47 7.70 0.40
C LEU A 29 -6.02 6.83 1.57
N PRO A 30 -6.63 7.05 2.74
CA PRO A 30 -6.31 6.29 3.95
C PRO A 30 -6.79 4.85 3.87
N SER A 1 -6.32 5.30 3.19
CA SER A 1 -6.63 3.90 3.44
C SER A 1 -5.37 3.10 3.72
N CYS A 2 -4.46 3.07 2.75
CA CYS A 2 -3.21 2.35 2.89
C CYS A 2 -2.04 3.31 3.04
N ASN A 3 -1.37 3.25 4.19
CA ASN A 3 -0.23 4.11 4.47
C ASN A 3 0.82 3.38 5.29
N ASN A 4 1.23 2.21 4.83
CA ASN A 4 2.23 1.41 5.53
C ASN A 4 3.29 0.90 4.56
N SER A 5 4.50 0.69 5.08
CA SER A 5 5.61 0.21 4.27
C SER A 5 5.42 -1.27 3.92
N CYS A 6 6.00 -1.67 2.79
CA CYS A 6 5.91 -3.06 2.34
C CYS A 6 6.81 -3.31 1.14
N GLN A 7 6.82 -4.54 0.66
CA GLN A 7 7.64 -4.90 -0.49
C GLN A 7 6.87 -5.81 -1.45
N SER A 8 6.19 -6.80 -0.91
CA SER A 8 5.42 -7.74 -1.71
C SER A 8 4.09 -8.07 -1.04
N HIS A 9 3.23 -7.07 -0.93
CA HIS A 9 1.92 -7.25 -0.31
C HIS A 9 2.06 -7.89 1.08
N SER A 10 3.18 -7.62 1.74
CA SER A 10 3.44 -8.18 3.06
C SER A 10 2.61 -7.46 4.13
N ASP A 11 2.49 -6.15 3.98
CA ASP A 11 1.73 -5.33 4.92
C ASP A 11 0.51 -4.72 4.25
N CYS A 12 0.57 -4.59 2.93
CA CYS A 12 -0.54 -4.01 2.17
C CYS A 12 -1.79 -4.87 2.29
N ALA A 13 -2.94 -4.28 1.97
CA ALA A 13 -4.21 -5.00 2.04
C ALA A 13 -5.28 -4.28 1.22
N SER A 14 -6.40 -4.98 0.99
CA SER A 14 -7.50 -4.41 0.22
C SER A 14 -7.03 -4.00 -1.18
N HIS A 15 -6.32 -4.91 -1.85
CA HIS A 15 -5.82 -4.64 -3.19
C HIS A 15 -5.02 -3.34 -3.23
N CYS A 16 -4.01 -3.25 -2.37
CA CYS A 16 -3.17 -2.06 -2.30
C CYS A 16 -1.77 -2.35 -2.84
N ILE A 17 -1.43 -1.70 -3.96
CA ILE A 17 -0.13 -1.88 -4.58
C ILE A 17 1.00 -1.58 -3.58
N CYS A 18 2.03 -2.41 -3.60
CA CYS A 18 3.17 -2.24 -2.71
C CYS A 18 4.44 -1.95 -3.49
N THR A 19 5.22 -0.98 -3.03
CA THR A 19 6.47 -0.60 -3.68
C THR A 19 7.50 -0.13 -2.67
N PHE A 20 8.69 0.21 -3.17
CA PHE A 20 9.77 0.68 -2.31
C PHE A 20 9.32 1.88 -1.48
N ARG A 21 8.34 2.61 -2.00
CA ARG A 21 7.83 3.79 -1.30
C ARG A 21 6.58 3.44 -0.49
N GLY A 22 6.52 2.19 -0.01
CA GLY A 22 5.38 1.76 0.77
C GLY A 22 4.17 1.47 -0.08
N CYS A 23 3.08 1.05 0.56
CA CYS A 23 1.85 0.73 -0.14
C CYS A 23 1.18 2.00 -0.67
N GLY A 24 -0.02 1.84 -1.23
CA GLY A 24 -0.74 2.98 -1.76
C GLY A 24 -2.23 2.71 -1.91
N ALA A 25 -3.05 3.74 -1.71
CA ALA A 25 -4.49 3.60 -1.82
C ALA A 25 -5.01 4.29 -3.08
N VAL A 26 -6.23 3.93 -3.49
CA VAL A 26 -6.83 4.51 -4.68
C VAL A 26 -6.88 6.03 -4.58
N ASN A 27 -6.44 6.70 -5.63
CA ASN A 27 -6.43 8.16 -5.67
C ASN A 27 -5.54 8.73 -4.57
N GLY A 28 -4.67 7.88 -4.03
CA GLY A 28 -3.77 8.32 -2.97
C GLY A 28 -4.50 8.83 -1.75
N LEU A 29 -5.26 7.94 -1.11
CA LEU A 29 -6.02 8.30 0.07
C LEU A 29 -5.52 7.55 1.30
N PRO A 30 -5.75 8.13 2.49
CA PRO A 30 -5.33 7.52 3.75
C PRO A 30 -6.12 6.27 4.09
N SER A 1 -6.11 4.71 3.23
CA SER A 1 -6.32 3.33 3.63
C SER A 1 -4.98 2.60 3.76
N CYS A 2 -4.27 2.47 2.65
CA CYS A 2 -2.98 1.80 2.63
C CYS A 2 -1.84 2.80 2.56
N ASN A 3 -1.39 3.26 3.72
CA ASN A 3 -0.30 4.23 3.80
C ASN A 3 0.83 3.71 4.68
N ASN A 4 1.23 2.47 4.46
CA ASN A 4 2.31 1.86 5.23
C ASN A 4 3.41 1.32 4.32
N SER A 5 4.44 0.76 4.93
CA SER A 5 5.56 0.21 4.16
C SER A 5 5.35 -1.27 3.88
N CYS A 6 5.98 -1.76 2.82
CA CYS A 6 5.86 -3.16 2.43
C CYS A 6 6.82 -3.50 1.29
N GLN A 7 6.74 -4.74 0.81
CA GLN A 7 7.61 -5.18 -0.28
C GLN A 7 6.85 -6.11 -1.23
N SER A 8 6.17 -7.10 -0.66
CA SER A 8 5.41 -8.06 -1.46
C SER A 8 4.00 -8.22 -0.90
N HIS A 9 3.24 -7.12 -0.89
CA HIS A 9 1.88 -7.15 -0.38
C HIS A 9 1.81 -7.76 1.01
N SER A 10 2.89 -7.59 1.77
CA SER A 10 2.97 -8.13 3.13
C SER A 10 2.11 -7.31 4.09
N ASP A 11 2.38 -6.00 4.13
CA ASP A 11 1.63 -5.10 5.01
C ASP A 11 0.41 -4.54 4.29
N CYS A 12 0.44 -4.58 2.96
CA CYS A 12 -0.67 -4.07 2.16
C CYS A 12 -1.91 -4.93 2.36
N ALA A 13 -3.06 -4.41 1.90
CA ALA A 13 -4.32 -5.13 2.02
C ALA A 13 -5.43 -4.43 1.23
N SER A 14 -6.54 -5.14 1.04
CA SER A 14 -7.67 -4.58 0.30
C SER A 14 -7.25 -4.19 -1.11
N HIS A 15 -6.65 -5.13 -1.82
CA HIS A 15 -6.19 -4.89 -3.20
C HIS A 15 -5.35 -3.63 -3.27
N CYS A 16 -4.27 -3.59 -2.49
CA CYS A 16 -3.37 -2.45 -2.46
C CYS A 16 -1.97 -2.84 -2.93
N ILE A 17 -1.42 -2.05 -3.86
CA ILE A 17 -0.09 -2.31 -4.39
C ILE A 17 0.98 -2.10 -3.33
N CYS A 18 2.22 -2.40 -3.68
CA CYS A 18 3.34 -2.23 -2.75
C CYS A 18 4.63 -1.96 -3.51
N THR A 19 5.26 -0.82 -3.22
CA THR A 19 6.50 -0.44 -3.87
C THR A 19 7.54 0.03 -2.85
N PHE A 20 8.67 0.50 -3.36
CA PHE A 20 9.74 0.98 -2.49
C PHE A 20 9.24 2.09 -1.56
N ARG A 21 8.19 2.78 -1.99
CA ARG A 21 7.61 3.86 -1.20
C ARG A 21 6.41 3.37 -0.40
N GLY A 22 6.35 2.07 -0.16
CA GLY A 22 5.26 1.49 0.60
C GLY A 22 4.06 1.18 -0.28
N CYS A 23 2.92 0.89 0.36
CA CYS A 23 1.69 0.57 -0.35
C CYS A 23 1.01 1.84 -0.85
N GLY A 24 -0.22 1.69 -1.35
CA GLY A 24 -0.97 2.83 -1.84
C GLY A 24 -2.44 2.52 -2.04
N ALA A 25 -3.29 3.48 -1.68
CA ALA A 25 -4.73 3.30 -1.81
C ALA A 25 -5.25 3.94 -3.09
N VAL A 26 -6.45 3.56 -3.49
CA VAL A 26 -7.06 4.10 -4.71
C VAL A 26 -7.20 5.62 -4.62
N ASN A 27 -6.77 6.30 -5.69
CA ASN A 27 -6.84 7.76 -5.73
C ASN A 27 -6.01 8.39 -4.62
N GLY A 28 -5.01 7.65 -4.16
CA GLY A 28 -4.14 8.15 -3.11
C GLY A 28 -4.92 8.63 -1.90
N LEU A 29 -5.48 7.70 -1.14
CA LEU A 29 -6.26 8.04 0.05
C LEU A 29 -5.79 7.25 1.26
N PRO A 30 -6.13 7.75 2.46
CA PRO A 30 -5.74 7.10 3.72
C PRO A 30 -6.49 5.79 3.95
N SER A 1 -6.02 4.85 2.74
CA SER A 1 -6.55 3.52 3.06
C SER A 1 -5.43 2.57 3.45
N CYS A 2 -4.37 2.54 2.65
CA CYS A 2 -3.23 1.67 2.90
C CYS A 2 -1.92 2.45 2.81
N ASN A 3 -1.10 2.34 3.84
CA ASN A 3 0.18 3.04 3.88
C ASN A 3 1.11 2.41 4.92
N ASN A 4 1.97 1.50 4.48
CA ASN A 4 2.90 0.83 5.37
C ASN A 4 4.27 0.69 4.72
N SER A 5 5.15 -0.08 5.35
CA SER A 5 6.50 -0.29 4.83
C SER A 5 6.55 -1.53 3.95
N CYS A 6 5.38 -2.06 3.61
CA CYS A 6 5.28 -3.25 2.77
C CYS A 6 6.11 -3.08 1.49
N GLN A 7 6.89 -4.09 1.16
CA GLN A 7 7.73 -4.05 -0.03
C GLN A 7 7.18 -4.98 -1.11
N SER A 8 6.50 -6.03 -0.69
CA SER A 8 5.92 -6.99 -1.62
C SER A 8 4.55 -7.48 -1.12
N HIS A 9 3.62 -6.54 -0.98
CA HIS A 9 2.28 -6.88 -0.51
C HIS A 9 2.33 -7.58 0.84
N SER A 10 3.26 -7.17 1.69
CA SER A 10 3.41 -7.77 3.01
C SER A 10 2.37 -7.22 3.98
N ASP A 11 2.56 -5.97 4.41
CA ASP A 11 1.63 -5.34 5.34
C ASP A 11 0.36 -4.92 4.63
N CYS A 12 0.45 -4.74 3.31
CA CYS A 12 -0.69 -4.33 2.51
C CYS A 12 -1.83 -5.35 2.62
N ALA A 13 -3.03 -4.95 2.22
CA ALA A 13 -4.18 -5.82 2.27
C ALA A 13 -5.40 -5.16 1.62
N SER A 14 -6.41 -5.97 1.32
CA SER A 14 -7.62 -5.48 0.69
C SER A 14 -7.33 -4.89 -0.69
N HIS A 15 -6.66 -5.69 -1.53
CA HIS A 15 -6.32 -5.25 -2.89
C HIS A 15 -5.60 -3.90 -2.85
N CYS A 16 -4.57 -3.80 -2.00
CA CYS A 16 -3.81 -2.58 -1.88
C CYS A 16 -2.40 -2.75 -2.44
N ILE A 17 -2.12 -2.07 -3.55
CA ILE A 17 -0.81 -2.16 -4.18
C ILE A 17 0.30 -1.74 -3.22
N CYS A 18 1.41 -2.46 -3.26
CA CYS A 18 2.54 -2.16 -2.39
C CYS A 18 3.81 -1.94 -3.21
N THR A 19 4.25 -0.68 -3.28
CA THR A 19 5.44 -0.33 -4.03
C THR A 19 6.59 0.04 -3.09
N PHE A 20 7.70 0.49 -3.67
CA PHE A 20 8.86 0.88 -2.89
C PHE A 20 8.51 1.98 -1.88
N ARG A 21 7.45 2.72 -2.19
CA ARG A 21 7.01 3.80 -1.32
C ARG A 21 5.92 3.31 -0.36
N GLY A 22 5.85 2.01 -0.15
CA GLY A 22 4.85 1.44 0.73
C GLY A 22 3.55 1.14 0.01
N CYS A 23 2.48 0.93 0.78
CA CYS A 23 1.18 0.63 0.21
C CYS A 23 0.47 1.90 -0.23
N GLY A 24 -0.65 1.75 -0.93
CA GLY A 24 -1.41 2.89 -1.39
C GLY A 24 -2.85 2.55 -1.71
N ALA A 25 -3.68 3.57 -1.89
CA ALA A 25 -5.08 3.37 -2.21
C ALA A 25 -5.47 4.10 -3.49
N VAL A 26 -6.74 4.03 -3.84
CA VAL A 26 -7.25 4.68 -5.04
C VAL A 26 -6.92 6.17 -5.04
N ASN A 27 -6.29 6.64 -6.11
CA ASN A 27 -5.93 8.05 -6.23
C ASN A 27 -4.97 8.46 -5.10
N GLY A 28 -4.22 7.48 -4.59
CA GLY A 28 -3.29 7.76 -3.52
C GLY A 28 -3.94 8.40 -2.31
N LEU A 29 -4.74 7.61 -1.60
CA LEU A 29 -5.44 8.10 -0.42
C LEU A 29 -5.15 7.24 0.80
N PRO A 30 -5.38 7.79 2.00
CA PRO A 30 -5.15 7.08 3.25
C PRO A 30 -6.15 5.94 3.48
N SER A 1 -6.10 4.79 2.93
CA SER A 1 -6.43 3.42 3.30
C SER A 1 -5.19 2.67 3.79
N CYS A 2 -4.03 3.11 3.32
CA CYS A 2 -2.77 2.48 3.71
C CYS A 2 -1.74 3.54 4.13
N ASN A 3 -1.12 3.33 5.28
CA ASN A 3 -0.12 4.26 5.79
C ASN A 3 1.10 3.51 6.32
N ASN A 4 1.32 2.31 5.80
CA ASN A 4 2.46 1.50 6.23
C ASN A 4 3.50 1.40 5.12
N SER A 5 4.57 0.66 5.39
CA SER A 5 5.65 0.50 4.42
C SER A 5 5.91 -0.98 4.14
N CYS A 6 5.72 -1.38 2.89
CA CYS A 6 5.92 -2.77 2.49
C CYS A 6 6.67 -2.84 1.17
N GLN A 7 7.20 -4.03 0.85
CA GLN A 7 7.95 -4.22 -0.38
C GLN A 7 7.08 -4.94 -1.42
N SER A 8 6.60 -6.13 -1.07
CA SER A 8 5.76 -6.91 -1.97
C SER A 8 4.57 -7.52 -1.22
N HIS A 9 3.53 -6.71 -1.06
CA HIS A 9 2.33 -7.16 -0.36
C HIS A 9 2.68 -7.78 1.00
N SER A 10 3.75 -7.28 1.60
CA SER A 10 4.20 -7.79 2.89
C SER A 10 3.25 -7.33 4.01
N ASP A 11 2.80 -6.09 3.91
CA ASP A 11 1.89 -5.53 4.92
C ASP A 11 0.81 -4.67 4.25
N CYS A 12 0.52 -4.98 3.00
CA CYS A 12 -0.48 -4.22 2.24
C CYS A 12 -1.85 -4.90 2.36
N ALA A 13 -2.90 -4.10 2.27
CA ALA A 13 -4.26 -4.61 2.36
C ALA A 13 -5.28 -3.58 1.86
N SER A 14 -6.54 -3.99 1.78
CA SER A 14 -7.60 -3.11 1.31
C SER A 14 -7.24 -2.49 -0.04
N HIS A 15 -6.87 -3.35 -0.99
CA HIS A 15 -6.51 -2.89 -2.32
C HIS A 15 -5.31 -1.95 -2.27
N CYS A 16 -4.15 -2.49 -1.90
CA CYS A 16 -2.93 -1.70 -1.80
C CYS A 16 -1.74 -2.46 -2.38
N ILE A 17 -0.98 -1.79 -3.23
CA ILE A 17 0.19 -2.40 -3.84
C ILE A 17 1.48 -1.79 -3.31
N CYS A 18 2.50 -2.63 -3.13
CA CYS A 18 3.80 -2.17 -2.62
C CYS A 18 4.87 -2.29 -3.69
N THR A 19 5.47 -1.16 -4.06
CA THR A 19 6.51 -1.14 -5.08
C THR A 19 7.77 -0.45 -4.55
N PHE A 20 7.76 0.88 -4.56
CA PHE A 20 8.89 1.66 -4.08
C PHE A 20 8.47 2.59 -2.95
N ARG A 21 7.26 3.11 -3.03
CA ARG A 21 6.74 4.02 -2.01
C ARG A 21 5.86 3.27 -1.02
N GLY A 22 6.15 1.99 -0.81
CA GLY A 22 5.37 1.20 0.11
C GLY A 22 3.97 0.92 -0.39
N CYS A 23 3.07 0.55 0.51
CA CYS A 23 1.69 0.25 0.15
C CYS A 23 0.88 1.54 0.00
N GLY A 24 0.09 1.61 -1.07
CA GLY A 24 -0.73 2.79 -1.31
C GLY A 24 -2.12 2.44 -1.82
N ALA A 25 -3.07 3.34 -1.60
CA ALA A 25 -4.44 3.13 -2.05
C ALA A 25 -4.69 3.80 -3.40
N VAL A 26 -5.89 3.60 -3.94
CA VAL A 26 -6.25 4.18 -5.22
C VAL A 26 -6.26 5.70 -5.15
N ASN A 27 -5.70 6.35 -6.17
CA ASN A 27 -5.64 7.80 -6.22
C ASN A 27 -4.91 8.36 -5.00
N GLY A 28 -4.08 7.53 -4.39
CA GLY A 28 -3.33 7.96 -3.22
C GLY A 28 -4.23 8.50 -2.12
N LEU A 29 -4.91 7.60 -1.42
CA LEU A 29 -5.81 7.98 -0.34
C LEU A 29 -5.47 7.23 0.94
N PRO A 30 -5.92 7.78 2.08
CA PRO A 30 -5.69 7.17 3.40
C PRO A 30 -6.48 5.89 3.59
N SER A 1 -5.89 4.99 3.18
CA SER A 1 -6.21 3.65 3.68
C SER A 1 -4.92 2.87 3.99
N CYS A 2 -4.15 2.58 2.96
CA CYS A 2 -2.90 1.84 3.12
C CYS A 2 -1.70 2.78 3.02
N ASN A 3 -1.09 3.09 4.17
CA ASN A 3 0.07 3.98 4.20
C ASN A 3 1.16 3.41 5.11
N ASN A 4 1.75 2.30 4.69
CA ASN A 4 2.80 1.66 5.47
C ASN A 4 3.95 1.21 4.56
N SER A 5 4.90 0.49 5.14
CA SER A 5 6.05 0.00 4.39
C SER A 5 5.87 -1.48 4.01
N CYS A 6 5.86 -1.75 2.72
CA CYS A 6 5.69 -3.12 2.22
C CYS A 6 6.53 -3.35 0.97
N GLN A 7 6.65 -4.61 0.58
CA GLN A 7 7.43 -4.98 -0.61
C GLN A 7 6.62 -5.87 -1.54
N SER A 8 5.90 -6.82 -0.95
CA SER A 8 5.08 -7.74 -1.73
C SER A 8 3.75 -8.02 -1.02
N HIS A 9 2.96 -6.97 -0.84
CA HIS A 9 1.67 -7.09 -0.17
C HIS A 9 1.82 -7.78 1.18
N SER A 10 2.98 -7.60 1.80
CA SER A 10 3.25 -8.20 3.11
C SER A 10 2.51 -7.46 4.21
N ASP A 11 2.38 -6.14 4.05
CA ASP A 11 1.69 -5.32 5.03
C ASP A 11 0.44 -4.69 4.43
N CYS A 12 0.43 -4.53 3.11
CA CYS A 12 -0.71 -3.95 2.42
C CYS A 12 -1.92 -4.87 2.48
N ALA A 13 -3.09 -4.34 2.14
CA ALA A 13 -4.33 -5.12 2.16
C ALA A 13 -5.43 -4.39 1.41
N SER A 14 -6.49 -5.13 1.08
CA SER A 14 -7.62 -4.56 0.36
C SER A 14 -7.20 -4.08 -1.03
N HIS A 15 -6.54 -4.97 -1.77
CA HIS A 15 -6.07 -4.64 -3.12
C HIS A 15 -5.27 -3.34 -3.11
N CYS A 16 -4.32 -3.24 -2.18
CA CYS A 16 -3.48 -2.06 -2.08
C CYS A 16 -2.09 -2.31 -2.65
N ILE A 17 -1.77 -1.64 -3.74
CA ILE A 17 -0.47 -1.80 -4.39
C ILE A 17 0.66 -1.59 -3.39
N CYS A 18 1.75 -2.33 -3.59
CA CYS A 18 2.91 -2.23 -2.70
C CYS A 18 4.19 -2.02 -3.50
N THR A 19 4.90 -0.94 -3.19
CA THR A 19 6.15 -0.63 -3.88
C THR A 19 7.22 -0.13 -2.91
N PHE A 20 8.36 0.27 -3.44
CA PHE A 20 9.46 0.76 -2.62
C PHE A 20 9.02 1.97 -1.79
N ARG A 21 7.97 2.64 -2.25
CA ARG A 21 7.45 3.82 -1.57
C ARG A 21 6.31 3.43 -0.62
N GLY A 22 6.27 2.16 -0.24
CA GLY A 22 5.23 1.69 0.65
C GLY A 22 3.92 1.45 -0.06
N CYS A 23 2.88 1.08 0.70
CA CYS A 23 1.57 0.82 0.13
C CYS A 23 0.95 2.10 -0.43
N GLY A 24 -0.28 2.00 -0.92
CA GLY A 24 -0.96 3.16 -1.48
C GLY A 24 -2.35 2.82 -1.98
N ALA A 25 -3.34 3.59 -1.54
CA ALA A 25 -4.73 3.38 -1.96
C ALA A 25 -4.97 3.94 -3.35
N VAL A 26 -6.22 3.84 -3.80
CA VAL A 26 -6.59 4.35 -5.12
C VAL A 26 -6.99 5.81 -5.06
N ASN A 27 -6.61 6.57 -6.08
CA ASN A 27 -6.93 8.00 -6.13
C ASN A 27 -6.30 8.74 -4.96
N GLY A 28 -5.17 8.23 -4.47
CA GLY A 28 -4.50 8.86 -3.35
C GLY A 28 -5.41 9.06 -2.17
N LEU A 29 -5.64 7.99 -1.41
CA LEU A 29 -6.51 8.05 -0.24
C LEU A 29 -5.87 7.35 0.94
N PRO A 30 -5.99 7.95 2.14
CA PRO A 30 -5.43 7.38 3.37
C PRO A 30 -6.17 6.12 3.83
N SER A 1 -6.21 4.96 3.20
CA SER A 1 -6.49 3.65 3.77
C SER A 1 -5.22 2.84 3.94
N CYS A 2 -4.29 3.01 3.00
CA CYS A 2 -3.03 2.29 3.03
C CYS A 2 -1.85 3.25 2.98
N ASN A 3 -1.39 3.66 4.16
CA ASN A 3 -0.26 4.59 4.26
C ASN A 3 0.94 3.93 4.92
N ASN A 4 1.01 2.61 4.82
CA ASN A 4 2.10 1.85 5.41
C ASN A 4 3.09 1.39 4.34
N SER A 5 4.31 1.06 4.77
CA SER A 5 5.34 0.60 3.84
C SER A 5 5.21 -0.89 3.57
N CYS A 6 5.78 -1.34 2.46
CA CYS A 6 5.74 -2.75 2.09
C CYS A 6 6.63 -3.02 0.88
N GLN A 7 6.74 -4.29 0.52
CA GLN A 7 7.56 -4.69 -0.63
C GLN A 7 6.77 -5.58 -1.58
N SER A 8 6.14 -6.61 -1.04
CA SER A 8 5.36 -7.54 -1.84
C SER A 8 4.04 -7.89 -1.15
N HIS A 9 3.20 -6.87 -0.96
CA HIS A 9 1.91 -7.07 -0.32
C HIS A 9 2.08 -7.72 1.06
N SER A 10 3.24 -7.50 1.67
CA SER A 10 3.53 -8.06 2.98
C SER A 10 2.82 -7.28 4.08
N ASP A 11 2.67 -5.97 3.87
CA ASP A 11 2.01 -5.11 4.85
C ASP A 11 0.73 -4.52 4.26
N CYS A 12 0.67 -4.43 2.93
CA CYS A 12 -0.49 -3.88 2.26
C CYS A 12 -1.72 -4.76 2.49
N ALA A 13 -2.90 -4.19 2.26
CA ALA A 13 -4.15 -4.92 2.44
C ALA A 13 -5.30 -4.22 1.73
N SER A 14 -6.39 -4.96 1.53
CA SER A 14 -7.56 -4.40 0.86
C SER A 14 -7.24 -4.01 -0.57
N HIS A 15 -6.64 -4.93 -1.32
CA HIS A 15 -6.28 -4.69 -2.71
C HIS A 15 -5.46 -3.40 -2.83
N CYS A 16 -4.43 -3.27 -2.00
CA CYS A 16 -3.59 -2.09 -2.01
C CYS A 16 -2.23 -2.41 -2.61
N ILE A 17 -1.96 -1.83 -3.78
CA ILE A 17 -0.69 -2.06 -4.46
C ILE A 17 0.50 -1.76 -3.55
N CYS A 18 1.58 -2.51 -3.73
CA CYS A 18 2.77 -2.32 -2.92
C CYS A 18 4.00 -2.13 -3.80
N THR A 19 4.81 -1.13 -3.48
CA THR A 19 6.02 -0.84 -4.24
C THR A 19 7.13 -0.33 -3.34
N PHE A 20 8.26 0.03 -3.94
CA PHE A 20 9.40 0.55 -3.19
C PHE A 20 9.00 1.77 -2.36
N ARG A 21 7.96 2.46 -2.80
CA ARG A 21 7.48 3.65 -2.11
C ARG A 21 6.34 3.30 -1.15
N GLY A 22 6.31 2.04 -0.71
CA GLY A 22 5.27 1.60 0.20
C GLY A 22 3.96 1.29 -0.51
N CYS A 23 2.89 1.16 0.26
CA CYS A 23 1.58 0.87 -0.30
C CYS A 23 0.86 2.16 -0.73
N GLY A 24 -0.34 2.01 -1.26
CA GLY A 24 -1.10 3.17 -1.70
C GLY A 24 -2.51 2.81 -2.12
N ALA A 25 -3.45 3.74 -1.91
CA ALA A 25 -4.84 3.51 -2.26
C ALA A 25 -5.21 4.24 -3.55
N VAL A 26 -6.47 4.12 -3.97
CA VAL A 26 -6.93 4.77 -5.18
C VAL A 26 -6.85 6.28 -5.05
N ASN A 27 -6.24 6.93 -6.05
CA ASN A 27 -6.09 8.37 -6.05
C ASN A 27 -5.39 8.85 -4.79
N GLY A 28 -4.57 7.98 -4.20
CA GLY A 28 -3.85 8.33 -3.00
C GLY A 28 -4.78 8.59 -1.83
N LEU A 29 -5.65 7.63 -1.54
CA LEU A 29 -6.60 7.76 -0.44
C LEU A 29 -6.03 7.15 0.84
N PRO A 30 -6.25 7.83 1.97
CA PRO A 30 -5.78 7.38 3.28
C PRO A 30 -6.52 6.14 3.76
N SER A 1 -6.30 4.98 3.42
CA SER A 1 -6.53 3.62 3.89
C SER A 1 -5.25 2.80 3.83
N CYS A 2 -4.57 2.85 2.69
CA CYS A 2 -3.33 2.11 2.49
C CYS A 2 -2.14 3.06 2.41
N ASN A 3 -1.39 3.17 3.50
CA ASN A 3 -0.22 4.05 3.55
C ASN A 3 0.82 3.50 4.51
N ASN A 4 1.34 2.31 4.20
CA ASN A 4 2.35 1.69 5.04
C ASN A 4 3.49 1.11 4.18
N SER A 5 4.46 0.48 4.84
CA SER A 5 5.59 -0.11 4.14
C SER A 5 5.31 -1.56 3.78
N CYS A 6 5.78 -1.96 2.59
CA CYS A 6 5.57 -3.32 2.12
C CYS A 6 6.39 -3.58 0.86
N GLN A 7 6.61 -4.86 0.56
CA GLN A 7 7.38 -5.24 -0.62
C GLN A 7 6.51 -5.99 -1.62
N SER A 8 5.74 -6.96 -1.13
CA SER A 8 4.87 -7.75 -1.99
C SER A 8 3.51 -7.97 -1.32
N HIS A 9 2.65 -6.96 -1.39
CA HIS A 9 1.32 -7.04 -0.80
C HIS A 9 1.37 -7.76 0.54
N SER A 10 2.39 -7.44 1.34
CA SER A 10 2.56 -8.07 2.65
C SER A 10 1.66 -7.41 3.68
N ASP A 11 1.88 -6.12 3.92
CA ASP A 11 1.08 -5.37 4.89
C ASP A 11 -0.04 -4.61 4.18
N CYS A 12 0.12 -4.38 2.90
CA CYS A 12 -0.87 -3.66 2.11
C CYS A 12 -2.25 -4.29 2.28
N ALA A 13 -3.23 -3.46 2.69
CA ALA A 13 -4.58 -3.94 2.90
C ALA A 13 -5.44 -3.71 1.65
N SER A 14 -6.58 -4.39 1.58
CA SER A 14 -7.48 -4.27 0.45
C SER A 14 -6.74 -4.53 -0.86
N HIS A 15 -5.76 -5.42 -0.81
CA HIS A 15 -4.97 -5.76 -1.99
C HIS A 15 -4.34 -4.51 -2.60
N CYS A 16 -4.13 -3.48 -1.77
CA CYS A 16 -3.55 -2.23 -2.23
C CYS A 16 -2.14 -2.46 -2.76
N ILE A 17 -1.76 -1.68 -3.77
CA ILE A 17 -0.44 -1.80 -4.39
C ILE A 17 0.65 -1.74 -3.33
N CYS A 18 1.86 -2.16 -3.71
CA CYS A 18 2.99 -2.16 -2.79
C CYS A 18 4.30 -1.98 -3.55
N THR A 19 4.97 -0.86 -3.31
CA THR A 19 6.24 -0.57 -3.97
C THR A 19 7.27 -0.06 -2.97
N PHE A 20 8.46 0.29 -3.48
CA PHE A 20 9.53 0.79 -2.64
C PHE A 20 9.09 2.04 -1.88
N ARG A 21 8.08 2.72 -2.42
CA ARG A 21 7.57 3.93 -1.79
C ARG A 21 6.37 3.63 -0.90
N GLY A 22 6.26 2.37 -0.49
CA GLY A 22 5.16 1.96 0.36
C GLY A 22 3.91 1.63 -0.42
N CYS A 23 2.87 1.18 0.28
CA CYS A 23 1.61 0.83 -0.36
C CYS A 23 0.88 2.07 -0.84
N GLY A 24 -0.37 1.89 -1.26
CA GLY A 24 -1.15 3.01 -1.74
C GLY A 24 -2.62 2.66 -1.92
N ALA A 25 -3.50 3.62 -1.67
CA ALA A 25 -4.94 3.41 -1.80
C ALA A 25 -5.48 4.10 -3.04
N VAL A 26 -6.74 3.85 -3.35
CA VAL A 26 -7.38 4.46 -4.52
C VAL A 26 -7.24 5.97 -4.50
N ASN A 27 -6.65 6.51 -5.57
CA ASN A 27 -6.44 7.95 -5.67
C ASN A 27 -5.59 8.47 -4.51
N GLY A 28 -4.72 7.61 -3.99
CA GLY A 28 -3.87 8.00 -2.89
C GLY A 28 -4.64 8.57 -1.72
N LEU A 29 -5.41 7.72 -1.06
CA LEU A 29 -6.22 8.16 0.09
C LEU A 29 -5.81 7.40 1.36
N PRO A 30 -6.16 7.96 2.52
CA PRO A 30 -5.83 7.37 3.82
C PRO A 30 -6.64 6.09 4.08
N SER A 1 -6.31 4.67 2.89
CA SER A 1 -6.73 3.33 3.31
C SER A 1 -5.54 2.54 3.84
N CYS A 2 -4.38 2.71 3.19
CA CYS A 2 -3.17 2.00 3.59
C CYS A 2 -1.99 2.97 3.70
N ASN A 3 -1.43 3.08 4.90
CA ASN A 3 -0.30 3.96 5.13
C ASN A 3 0.83 3.23 5.87
N ASN A 4 1.32 2.16 5.27
CA ASN A 4 2.39 1.37 5.86
C ASN A 4 3.38 0.92 4.80
N SER A 5 4.60 0.60 5.24
CA SER A 5 5.65 0.15 4.33
C SER A 5 5.49 -1.33 3.99
N CYS A 6 5.96 -1.72 2.81
CA CYS A 6 5.87 -3.10 2.37
C CYS A 6 6.73 -3.33 1.13
N GLN A 7 6.83 -4.59 0.71
CA GLN A 7 7.62 -4.95 -0.46
C GLN A 7 6.82 -5.82 -1.41
N SER A 8 6.04 -6.74 -0.87
CA SER A 8 5.22 -7.64 -1.67
C SER A 8 3.94 -8.01 -0.94
N HIS A 9 3.07 -7.03 -0.73
CA HIS A 9 1.81 -7.26 -0.04
C HIS A 9 2.04 -7.95 1.31
N SER A 10 3.19 -7.66 1.92
CA SER A 10 3.54 -8.25 3.21
C SER A 10 2.83 -7.52 4.34
N ASP A 11 2.70 -6.21 4.21
CA ASP A 11 2.05 -5.39 5.22
C ASP A 11 0.77 -4.76 4.67
N CYS A 12 0.71 -4.62 3.35
CA CYS A 12 -0.46 -4.04 2.71
C CYS A 12 -1.69 -4.93 2.88
N ALA A 13 -2.85 -4.37 2.59
CA ALA A 13 -4.11 -5.12 2.70
C ALA A 13 -5.25 -4.40 2.02
N SER A 14 -6.34 -5.12 1.75
CA SER A 14 -7.50 -4.54 1.09
C SER A 14 -7.14 -4.09 -0.33
N HIS A 15 -6.53 -4.98 -1.10
CA HIS A 15 -6.13 -4.66 -2.46
C HIS A 15 -5.33 -3.37 -2.52
N CYS A 16 -4.32 -3.27 -1.66
CA CYS A 16 -3.47 -2.08 -1.61
C CYS A 16 -2.11 -2.36 -2.23
N ILE A 17 -1.83 -1.72 -3.36
CA ILE A 17 -0.56 -1.90 -4.05
C ILE A 17 0.61 -1.67 -3.10
N CYS A 18 1.68 -2.44 -3.31
CA CYS A 18 2.87 -2.32 -2.47
C CYS A 18 4.10 -2.04 -3.32
N THR A 19 4.44 -0.76 -3.47
CA THR A 19 5.60 -0.36 -4.27
C THR A 19 6.74 0.10 -3.37
N PHE A 20 7.83 0.57 -3.99
CA PHE A 20 8.98 1.04 -3.25
C PHE A 20 8.62 2.24 -2.37
N ARG A 21 7.49 2.86 -2.69
CA ARG A 21 7.03 4.03 -1.93
C ARG A 21 6.03 3.61 -0.85
N GLY A 22 6.10 2.35 -0.44
CA GLY A 22 5.19 1.84 0.57
C GLY A 22 3.79 1.64 0.05
N CYS A 23 2.94 1.04 0.87
CA CYS A 23 1.56 0.79 0.48
C CYS A 23 0.81 2.09 0.20
N GLY A 24 0.01 2.09 -0.86
CA GLY A 24 -0.74 3.28 -1.21
C GLY A 24 -2.06 2.95 -1.89
N ALA A 25 -3.02 3.87 -1.81
CA ALA A 25 -4.32 3.67 -2.42
C ALA A 25 -4.48 4.55 -3.65
N VAL A 26 -5.53 4.29 -4.43
CA VAL A 26 -5.80 5.06 -5.64
C VAL A 26 -5.88 6.56 -5.33
N ASN A 27 -5.20 7.35 -6.14
CA ASN A 27 -5.19 8.80 -5.96
C ASN A 27 -4.64 9.17 -4.58
N GLY A 28 -3.79 8.31 -4.04
CA GLY A 28 -3.20 8.57 -2.73
C GLY A 28 -4.26 8.75 -1.66
N LEU A 29 -5.18 7.80 -1.57
CA LEU A 29 -6.25 7.86 -0.58
C LEU A 29 -5.86 7.09 0.68
N PRO A 30 -6.19 7.68 1.85
CA PRO A 30 -5.88 7.06 3.15
C PRO A 30 -6.73 5.82 3.41
N SER A 1 -6.23 4.71 3.01
CA SER A 1 -6.76 3.42 3.46
C SER A 1 -5.64 2.40 3.60
N CYS A 2 -4.65 2.50 2.72
CA CYS A 2 -3.51 1.58 2.76
C CYS A 2 -2.20 2.33 2.63
N ASN A 3 -1.81 2.99 3.72
CA ASN A 3 -0.56 3.75 3.74
C ASN A 3 0.41 3.20 4.78
N ASN A 4 1.24 2.25 4.36
CA ASN A 4 2.21 1.63 5.25
C ASN A 4 3.43 1.14 4.47
N SER A 5 4.37 0.51 5.17
CA SER A 5 5.59 0.01 4.56
C SER A 5 5.40 -1.46 4.14
N CYS A 6 5.58 -1.72 2.85
CA CYS A 6 5.44 -3.08 2.32
C CYS A 6 6.28 -3.25 1.05
N GLN A 7 6.27 -4.47 0.52
CA GLN A 7 7.04 -4.77 -0.68
C GLN A 7 6.22 -5.64 -1.64
N SER A 8 5.62 -6.70 -1.10
CA SER A 8 4.82 -7.62 -1.91
C SER A 8 3.48 -7.89 -1.23
N HIS A 9 2.72 -6.84 -0.99
CA HIS A 9 1.42 -6.97 -0.34
C HIS A 9 1.54 -7.71 0.99
N SER A 10 2.71 -7.62 1.60
CA SER A 10 2.96 -8.28 2.88
C SER A 10 2.19 -7.59 4.01
N ASP A 11 2.18 -6.26 3.98
CA ASP A 11 1.49 -5.48 4.99
C ASP A 11 0.26 -4.78 4.39
N CYS A 12 0.30 -4.53 3.09
CA CYS A 12 -0.80 -3.87 2.40
C CYS A 12 -2.12 -4.59 2.66
N ALA A 13 -3.16 -3.82 2.95
CA ALA A 13 -4.48 -4.38 3.21
C ALA A 13 -5.40 -4.20 2.01
N SER A 14 -6.51 -4.94 2.00
CA SER A 14 -7.47 -4.86 0.92
C SER A 14 -6.79 -5.04 -0.43
N HIS A 15 -5.76 -5.89 -0.45
CA HIS A 15 -5.02 -6.16 -1.68
C HIS A 15 -4.50 -4.87 -2.30
N CYS A 16 -4.30 -3.86 -1.46
CA CYS A 16 -3.80 -2.58 -1.93
C CYS A 16 -2.38 -2.70 -2.49
N ILE A 17 -2.08 -1.89 -3.50
CA ILE A 17 -0.76 -1.91 -4.12
C ILE A 17 0.35 -1.79 -3.07
N CYS A 18 1.56 -2.17 -3.46
CA CYS A 18 2.70 -2.10 -2.56
C CYS A 18 4.00 -1.91 -3.34
N THR A 19 4.65 -0.76 -3.13
CA THR A 19 5.89 -0.45 -3.80
C THR A 19 6.93 0.10 -2.83
N PHE A 20 8.08 0.51 -3.37
CA PHE A 20 9.15 1.07 -2.55
C PHE A 20 8.64 2.25 -1.73
N ARG A 21 7.60 2.91 -2.23
CA ARG A 21 7.03 4.06 -1.54
C ARG A 21 5.85 3.65 -0.67
N GLY A 22 5.84 2.39 -0.26
CA GLY A 22 4.76 1.88 0.58
C GLY A 22 3.56 1.46 -0.23
N CYS A 23 2.43 1.26 0.44
CA CYS A 23 1.20 0.84 -0.22
C CYS A 23 0.37 2.06 -0.64
N GLY A 24 -0.76 1.80 -1.29
CA GLY A 24 -1.63 2.88 -1.73
C GLY A 24 -3.02 2.41 -2.06
N ALA A 25 -4.02 3.18 -1.66
CA ALA A 25 -5.41 2.85 -1.92
C ALA A 25 -5.84 3.28 -3.32
N VAL A 26 -6.10 4.58 -3.48
CA VAL A 26 -6.51 5.13 -4.76
C VAL A 26 -6.01 6.56 -4.93
N ASN A 27 -5.11 6.75 -5.89
CA ASN A 27 -4.55 8.08 -6.16
C ASN A 27 -3.89 8.65 -4.91
N GLY A 28 -3.51 7.76 -4.00
CA GLY A 28 -2.86 8.20 -2.76
C GLY A 28 -3.86 8.53 -1.68
N LEU A 29 -4.79 7.62 -1.42
CA LEU A 29 -5.81 7.82 -0.40
C LEU A 29 -5.48 7.02 0.86
N PRO A 30 -5.70 7.64 2.03
CA PRO A 30 -5.43 7.01 3.33
C PRO A 30 -6.42 5.89 3.63
N SER A 1 -6.21 4.89 3.31
CA SER A 1 -6.48 3.52 3.75
C SER A 1 -5.17 2.75 3.94
N CYS A 2 -4.47 2.50 2.85
CA CYS A 2 -3.20 1.78 2.90
C CYS A 2 -2.02 2.74 2.83
N ASN A 3 -1.51 3.13 4.00
CA ASN A 3 -0.38 4.04 4.07
C ASN A 3 0.71 3.50 4.97
N ASN A 4 1.26 2.34 4.59
CA ASN A 4 2.31 1.71 5.37
C ASN A 4 3.46 1.26 4.47
N SER A 5 4.47 0.64 5.07
CA SER A 5 5.63 0.16 4.32
C SER A 5 5.47 -1.30 3.94
N CYS A 6 5.87 -1.65 2.73
CA CYS A 6 5.76 -3.02 2.24
C CYS A 6 6.64 -3.22 1.00
N GLN A 7 6.62 -4.44 0.47
CA GLN A 7 7.40 -4.76 -0.73
C GLN A 7 6.61 -5.66 -1.67
N SER A 8 6.02 -6.73 -1.13
CA SER A 8 5.24 -7.66 -1.92
C SER A 8 3.91 -7.96 -1.26
N HIS A 9 3.08 -6.93 -1.10
CA HIS A 9 1.78 -7.09 -0.48
C HIS A 9 1.89 -7.77 0.87
N SER A 10 3.03 -7.57 1.54
CA SER A 10 3.27 -8.18 2.84
C SER A 10 2.46 -7.47 3.93
N ASP A 11 2.39 -6.15 3.84
CA ASP A 11 1.65 -5.36 4.81
C ASP A 11 0.41 -4.73 4.18
N CYS A 12 0.44 -4.58 2.85
CA CYS A 12 -0.67 -3.99 2.13
C CYS A 12 -1.95 -4.81 2.33
N ALA A 13 -3.09 -4.12 2.31
CA ALA A 13 -4.37 -4.78 2.49
C ALA A 13 -5.40 -4.28 1.49
N SER A 14 -6.51 -5.01 1.36
CA SER A 14 -7.55 -4.64 0.41
C SER A 14 -7.01 -4.51 -1.00
N HIS A 15 -6.11 -5.43 -1.36
CA HIS A 15 -5.50 -5.41 -2.69
C HIS A 15 -4.85 -4.07 -2.98
N CYS A 16 -4.08 -3.57 -2.01
CA CYS A 16 -3.40 -2.29 -2.17
C CYS A 16 -1.98 -2.49 -2.69
N ILE A 17 -1.63 -1.71 -3.71
CA ILE A 17 -0.30 -1.80 -4.31
C ILE A 17 0.79 -1.70 -3.24
N CYS A 18 1.98 -2.17 -3.58
CA CYS A 18 3.11 -2.13 -2.65
C CYS A 18 4.42 -1.89 -3.40
N THR A 19 5.13 -0.83 -3.03
CA THR A 19 6.39 -0.49 -3.67
C THR A 19 7.45 -0.13 -2.63
N PHE A 20 8.62 0.30 -3.10
CA PHE A 20 9.71 0.67 -2.21
C PHE A 20 9.31 1.85 -1.32
N ARG A 21 8.26 2.56 -1.73
CA ARG A 21 7.77 3.71 -0.98
C ARG A 21 6.51 3.35 -0.20
N GLY A 22 6.37 2.08 0.15
CA GLY A 22 5.21 1.63 0.89
C GLY A 22 4.03 1.34 -0.01
N CYS A 23 2.87 1.11 0.59
CA CYS A 23 1.66 0.81 -0.17
C CYS A 23 0.94 2.10 -0.58
N GLY A 24 -0.28 1.95 -1.10
CA GLY A 24 -1.05 3.11 -1.52
C GLY A 24 -2.49 2.77 -1.80
N ALA A 25 -3.36 3.78 -1.72
CA ALA A 25 -4.79 3.59 -1.96
C ALA A 25 -5.21 4.24 -3.27
N VAL A 26 -6.48 4.09 -3.62
CA VAL A 26 -7.01 4.66 -4.84
C VAL A 26 -6.67 6.14 -4.96
N ASN A 27 -6.04 6.51 -6.07
CA ASN A 27 -5.64 7.89 -6.30
C ASN A 27 -5.09 8.52 -5.02
N GLY A 28 -4.34 7.73 -4.25
CA GLY A 28 -3.76 8.24 -3.02
C GLY A 28 -4.82 8.65 -2.02
N LEU A 29 -5.12 7.76 -1.07
CA LEU A 29 -6.12 8.05 -0.04
C LEU A 29 -5.77 7.35 1.26
N PRO A 30 -6.29 7.88 2.38
CA PRO A 30 -6.05 7.32 3.71
C PRO A 30 -6.76 5.97 3.91
N SER A 1 -6.08 5.22 3.02
CA SER A 1 -6.52 3.93 3.55
C SER A 1 -5.34 2.99 3.78
N CYS A 2 -4.33 3.11 2.92
CA CYS A 2 -3.14 2.28 3.03
C CYS A 2 -1.88 3.14 3.05
N ASN A 3 -1.35 3.37 4.25
CA ASN A 3 -0.15 4.18 4.42
C ASN A 3 0.89 3.45 5.28
N ASN A 4 1.45 2.38 4.73
CA ASN A 4 2.45 1.59 5.45
C ASN A 4 3.57 1.16 4.52
N SER A 5 4.61 0.57 5.09
CA SER A 5 5.77 0.11 4.31
C SER A 5 5.62 -1.36 3.94
N CYS A 6 6.03 -1.70 2.72
CA CYS A 6 5.94 -3.08 2.25
C CYS A 6 6.88 -3.29 1.06
N GLN A 7 7.01 -4.55 0.65
CA GLN A 7 7.87 -4.90 -0.48
C GLN A 7 7.18 -5.88 -1.41
N SER A 8 6.50 -6.87 -0.82
CA SER A 8 5.80 -7.89 -1.60
C SER A 8 4.38 -8.08 -1.09
N HIS A 9 3.59 -7.01 -1.14
CA HIS A 9 2.21 -7.06 -0.67
C HIS A 9 2.13 -7.63 0.74
N SER A 10 3.09 -7.27 1.57
CA SER A 10 3.13 -7.75 2.96
C SER A 10 2.15 -6.97 3.84
N ASP A 11 2.49 -5.71 4.10
CA ASP A 11 1.66 -4.85 4.92
C ASP A 11 0.37 -4.50 4.21
N CYS A 12 0.41 -4.52 2.87
CA CYS A 12 -0.76 -4.21 2.07
C CYS A 12 -1.97 -5.03 2.50
N ALA A 13 -3.14 -4.41 2.51
CA ALA A 13 -4.37 -5.08 2.90
C ALA A 13 -5.57 -4.52 2.16
N SER A 14 -6.71 -5.20 2.27
CA SER A 14 -7.93 -4.77 1.60
C SER A 14 -7.68 -4.49 0.13
N HIS A 15 -6.85 -5.34 -0.50
CA HIS A 15 -6.53 -5.19 -1.91
C HIS A 15 -5.81 -3.86 -2.17
N CYS A 16 -4.61 -3.74 -1.59
CA CYS A 16 -3.81 -2.53 -1.75
C CYS A 16 -2.52 -2.83 -2.52
N ILE A 17 -2.10 -1.87 -3.35
CA ILE A 17 -0.88 -2.04 -4.14
C ILE A 17 0.36 -1.68 -3.31
N CYS A 18 1.40 -2.49 -3.46
CA CYS A 18 2.64 -2.26 -2.73
C CYS A 18 3.80 -2.02 -3.69
N THR A 19 4.62 -1.02 -3.39
CA THR A 19 5.76 -0.68 -4.23
C THR A 19 6.93 -0.18 -3.38
N PHE A 20 8.00 0.25 -4.05
CA PHE A 20 9.18 0.75 -3.37
C PHE A 20 8.83 1.94 -2.47
N ARG A 21 7.73 2.61 -2.80
CA ARG A 21 7.28 3.75 -2.02
C ARG A 21 6.22 3.35 -1.00
N GLY A 22 6.25 2.07 -0.61
CA GLY A 22 5.29 1.57 0.35
C GLY A 22 3.99 1.13 -0.30
N CYS A 23 2.93 1.01 0.50
CA CYS A 23 1.64 0.57 -0.01
C CYS A 23 0.72 1.77 -0.24
N GLY A 24 -0.01 1.75 -1.35
CA GLY A 24 -0.92 2.84 -1.66
C GLY A 24 -2.38 2.42 -1.60
N ALA A 25 -3.27 3.37 -1.81
CA ALA A 25 -4.70 3.09 -1.79
C ALA A 25 -5.39 3.64 -3.03
N VAL A 26 -6.72 3.56 -3.04
CA VAL A 26 -7.51 4.05 -4.18
C VAL A 26 -7.18 5.51 -4.48
N ASN A 27 -6.64 5.76 -5.67
CA ASN A 27 -6.28 7.11 -6.07
C ASN A 27 -5.30 7.73 -5.09
N GLY A 28 -4.49 6.90 -4.46
CA GLY A 28 -3.51 7.37 -3.50
C GLY A 28 -4.14 8.12 -2.35
N LEU A 29 -5.12 7.48 -1.70
CA LEU A 29 -5.81 8.08 -0.57
C LEU A 29 -5.43 7.39 0.74
N PRO A 30 -5.67 8.08 1.87
CA PRO A 30 -5.36 7.55 3.19
C PRO A 30 -6.28 6.40 3.59
N SER A 1 -5.83 5.33 2.60
CA SER A 1 -6.35 4.00 2.88
C SER A 1 -5.25 3.08 3.39
N CYS A 2 -4.16 3.00 2.61
CA CYS A 2 -3.03 2.14 2.98
C CYS A 2 -1.72 2.91 2.88
N ASN A 3 -1.22 3.39 4.01
CA ASN A 3 0.02 4.15 4.04
C ASN A 3 1.03 3.48 4.97
N ASN A 4 1.61 2.37 4.50
CA ASN A 4 2.60 1.64 5.28
C ASN A 4 3.72 1.13 4.40
N SER A 5 4.70 0.44 5.01
CA SER A 5 5.83 -0.10 4.27
C SER A 5 5.57 -1.55 3.88
N CYS A 6 6.05 -1.93 2.70
CA CYS A 6 5.87 -3.30 2.21
C CYS A 6 6.67 -3.51 0.92
N GLN A 7 6.66 -4.75 0.42
CA GLN A 7 7.37 -5.08 -0.80
C GLN A 7 6.49 -5.92 -1.73
N SER A 8 5.79 -6.89 -1.16
CA SER A 8 4.92 -7.77 -1.93
C SER A 8 3.61 -8.01 -1.19
N HIS A 9 2.86 -6.93 -0.95
CA HIS A 9 1.59 -7.04 -0.25
C HIS A 9 1.74 -7.76 1.08
N SER A 10 2.91 -7.62 1.70
CA SER A 10 3.19 -8.27 2.97
C SER A 10 2.57 -7.49 4.13
N ASP A 11 2.48 -6.17 3.97
CA ASP A 11 1.90 -5.32 5.00
C ASP A 11 0.65 -4.63 4.48
N CYS A 12 0.54 -4.49 3.17
CA CYS A 12 -0.62 -3.85 2.55
C CYS A 12 -1.91 -4.57 2.94
N ALA A 13 -3.04 -3.93 2.70
CA ALA A 13 -4.33 -4.50 3.03
C ALA A 13 -5.41 -4.04 2.04
N SER A 14 -6.60 -4.63 2.14
CA SER A 14 -7.70 -4.28 1.26
C SER A 14 -7.28 -4.36 -0.20
N HIS A 15 -6.36 -5.29 -0.50
CA HIS A 15 -5.86 -5.47 -1.85
C HIS A 15 -5.14 -4.23 -2.35
N CYS A 16 -4.46 -3.54 -1.43
CA CYS A 16 -3.74 -2.32 -1.77
C CYS A 16 -2.42 -2.65 -2.48
N ILE A 17 -2.00 -1.78 -3.38
CA ILE A 17 -0.75 -1.99 -4.12
C ILE A 17 0.45 -1.69 -3.24
N CYS A 18 1.54 -2.43 -3.46
CA CYS A 18 2.76 -2.25 -2.69
C CYS A 18 3.95 -1.97 -3.61
N THR A 19 4.80 -1.04 -3.21
CA THR A 19 5.97 -0.68 -3.99
C THR A 19 7.16 -0.35 -3.09
N PHE A 20 8.30 -0.05 -3.71
CA PHE A 20 9.50 0.29 -2.96
C PHE A 20 9.26 1.47 -2.02
N ARG A 21 8.27 2.29 -2.36
CA ARG A 21 7.93 3.45 -1.56
C ARG A 21 6.75 3.15 -0.64
N GLY A 22 6.57 1.87 -0.32
CA GLY A 22 5.48 1.47 0.55
C GLY A 22 4.18 1.27 -0.20
N CYS A 23 3.12 0.96 0.53
CA CYS A 23 1.81 0.73 -0.08
C CYS A 23 1.14 2.06 -0.44
N GLY A 24 0.02 1.97 -1.15
CA GLY A 24 -0.70 3.17 -1.55
C GLY A 24 -2.18 2.91 -1.77
N ALA A 25 -2.94 3.98 -1.98
CA ALA A 25 -4.37 3.87 -2.20
C ALA A 25 -4.78 4.54 -3.51
N VAL A 26 -6.05 4.39 -3.88
CA VAL A 26 -6.57 4.98 -5.10
C VAL A 26 -7.22 6.34 -4.83
N ASN A 27 -7.32 7.15 -5.88
CA ASN A 27 -7.92 8.47 -5.75
C ASN A 27 -7.25 9.28 -4.65
N GLY A 28 -5.98 8.97 -4.39
CA GLY A 28 -5.24 9.68 -3.37
C GLY A 28 -5.93 9.63 -2.02
N LEU A 29 -6.27 8.43 -1.57
CA LEU A 29 -6.95 8.26 -0.29
C LEU A 29 -5.95 7.87 0.80
N PRO A 30 -6.35 8.07 2.07
CA PRO A 30 -5.51 7.74 3.23
C PRO A 30 -5.34 6.24 3.41
N SER A 1 -6.03 4.87 3.22
CA SER A 1 -6.28 3.47 3.54
C SER A 1 -4.98 2.75 3.86
N CYS A 2 -4.16 2.53 2.83
CA CYS A 2 -2.89 1.85 3.00
C CYS A 2 -1.73 2.83 2.92
N ASN A 3 -1.08 3.07 4.07
CA ASN A 3 0.05 3.99 4.13
C ASN A 3 1.20 3.37 4.92
N ASN A 4 1.37 2.07 4.79
CA ASN A 4 2.43 1.36 5.49
C ASN A 4 3.49 0.86 4.51
N SER A 5 4.71 0.66 5.01
CA SER A 5 5.81 0.18 4.17
C SER A 5 5.62 -1.29 3.83
N CYS A 6 6.07 -1.68 2.64
CA CYS A 6 5.96 -3.06 2.19
C CYS A 6 6.86 -3.32 0.98
N GLN A 7 6.90 -4.57 0.54
CA GLN A 7 7.72 -4.94 -0.62
C GLN A 7 6.94 -5.82 -1.58
N SER A 8 6.28 -6.84 -1.05
CA SER A 8 5.49 -7.76 -1.86
C SER A 8 4.13 -8.02 -1.22
N HIS A 9 3.38 -6.95 -0.98
CA HIS A 9 2.05 -7.06 -0.38
C HIS A 9 2.15 -7.67 1.02
N SER A 10 3.26 -7.41 1.69
CA SER A 10 3.49 -7.93 3.04
C SER A 10 2.63 -7.17 4.05
N ASP A 11 2.68 -5.85 3.99
CA ASP A 11 1.92 -5.01 4.90
C ASP A 11 0.66 -4.47 4.22
N CYS A 12 0.67 -4.48 2.89
CA CYS A 12 -0.47 -3.99 2.12
C CYS A 12 -1.68 -4.89 2.30
N ALA A 13 -2.86 -4.33 2.12
CA ALA A 13 -4.10 -5.08 2.25
C ALA A 13 -5.25 -4.39 1.54
N SER A 14 -6.34 -5.13 1.33
CA SER A 14 -7.52 -4.58 0.66
C SER A 14 -7.18 -4.19 -0.78
N HIS A 15 -6.57 -5.12 -1.51
CA HIS A 15 -6.19 -4.88 -2.90
C HIS A 15 -5.39 -3.58 -3.03
N CYS A 16 -4.38 -3.44 -2.17
CA CYS A 16 -3.53 -2.25 -2.19
C CYS A 16 -2.18 -2.54 -2.84
N ILE A 17 -1.74 -1.64 -3.69
CA ILE A 17 -0.46 -1.79 -4.38
C ILE A 17 0.72 -1.52 -3.45
N CYS A 18 1.80 -2.27 -3.62
CA CYS A 18 2.99 -2.11 -2.79
C CYS A 18 4.21 -1.77 -3.65
N THR A 19 4.99 -0.81 -3.20
CA THR A 19 6.19 -0.40 -3.93
C THR A 19 7.28 0.04 -2.97
N PHE A 20 8.44 0.39 -3.52
CA PHE A 20 9.57 0.83 -2.72
C PHE A 20 9.15 1.96 -1.76
N ARG A 21 8.18 2.75 -2.17
CA ARG A 21 7.68 3.85 -1.36
C ARG A 21 6.45 3.43 -0.57
N GLY A 22 6.50 2.23 0.00
CA GLY A 22 5.38 1.73 0.78
C GLY A 22 4.15 1.48 -0.07
N CYS A 23 3.05 1.12 0.57
CA CYS A 23 1.80 0.84 -0.13
C CYS A 23 1.09 2.13 -0.50
N GLY A 24 -0.02 2.00 -1.23
CA GLY A 24 -0.78 3.17 -1.63
C GLY A 24 -2.22 2.84 -1.96
N ALA A 25 -3.12 3.78 -1.70
CA ALA A 25 -4.53 3.59 -1.97
C ALA A 25 -4.96 4.32 -3.24
N VAL A 26 -6.14 3.97 -3.75
CA VAL A 26 -6.67 4.59 -4.96
C VAL A 26 -6.67 6.12 -4.83
N ASN A 27 -6.11 6.79 -5.82
CA ASN A 27 -6.05 8.25 -5.83
C ASN A 27 -5.29 8.76 -4.61
N GLY A 28 -4.44 7.91 -4.06
CA GLY A 28 -3.66 8.30 -2.89
C GLY A 28 -4.53 8.77 -1.74
N LEU A 29 -5.20 7.83 -1.09
CA LEU A 29 -6.08 8.14 0.04
C LEU A 29 -5.65 7.39 1.29
N PRO A 30 -6.08 7.88 2.46
CA PRO A 30 -5.76 7.27 3.75
C PRO A 30 -6.45 5.93 3.94
N SER A 1 -5.91 5.06 3.30
CA SER A 1 -6.15 3.72 3.83
C SER A 1 -4.83 2.99 4.06
N CYS A 2 -4.10 2.74 2.98
CA CYS A 2 -2.82 2.04 3.06
C CYS A 2 -1.66 3.03 3.01
N ASN A 3 -1.23 3.49 4.18
CA ASN A 3 -0.14 4.44 4.27
C ASN A 3 0.99 3.90 5.16
N ASN A 4 1.60 2.81 4.71
CA ASN A 4 2.69 2.19 5.46
C ASN A 4 3.74 1.61 4.51
N SER A 5 4.78 1.01 5.09
CA SER A 5 5.85 0.41 4.30
C SER A 5 5.64 -1.09 4.13
N CYS A 6 6.02 -1.60 2.96
CA CYS A 6 5.87 -3.03 2.68
C CYS A 6 6.86 -3.47 1.60
N GLN A 7 6.75 -4.73 1.20
CA GLN A 7 7.63 -5.28 0.18
C GLN A 7 6.82 -5.81 -1.01
N SER A 8 5.98 -6.80 -0.75
CA SER A 8 5.16 -7.40 -1.79
C SER A 8 3.81 -7.85 -1.23
N HIS A 9 2.92 -6.88 -0.99
CA HIS A 9 1.60 -7.17 -0.46
C HIS A 9 1.70 -7.89 0.88
N SER A 10 2.79 -7.64 1.59
CA SER A 10 3.02 -8.25 2.90
C SER A 10 2.24 -7.53 3.99
N ASP A 11 2.52 -6.24 4.14
CA ASP A 11 1.86 -5.42 5.15
C ASP A 11 0.59 -4.78 4.58
N CYS A 12 0.59 -4.56 3.26
CA CYS A 12 -0.55 -3.95 2.59
C CYS A 12 -1.78 -4.83 2.71
N ALA A 13 -2.93 -4.30 2.30
CA ALA A 13 -4.19 -5.04 2.35
C ALA A 13 -5.27 -4.35 1.54
N SER A 14 -6.34 -5.09 1.25
CA SER A 14 -7.44 -4.54 0.46
C SER A 14 -6.98 -4.16 -0.94
N HIS A 15 -6.30 -5.09 -1.61
CA HIS A 15 -5.80 -4.85 -2.96
C HIS A 15 -5.00 -3.56 -3.02
N CYS A 16 -4.08 -3.40 -2.09
CA CYS A 16 -3.24 -2.20 -2.03
C CYS A 16 -1.85 -2.48 -2.58
N ILE A 17 -1.53 -1.86 -3.71
CA ILE A 17 -0.21 -2.05 -4.33
C ILE A 17 0.91 -1.70 -3.36
N CYS A 18 2.02 -2.42 -3.47
CA CYS A 18 3.18 -2.18 -2.61
C CYS A 18 4.43 -1.95 -3.44
N THR A 19 4.85 -0.69 -3.54
CA THR A 19 6.05 -0.35 -4.30
C THR A 19 7.18 0.11 -3.39
N PHE A 20 8.26 0.60 -3.98
CA PHE A 20 9.41 1.06 -3.21
C PHE A 20 8.99 2.12 -2.19
N ARG A 21 7.90 2.82 -2.49
CA ARG A 21 7.40 3.86 -1.60
C ARG A 21 6.26 3.33 -0.74
N GLY A 22 6.45 2.15 -0.17
CA GLY A 22 5.43 1.55 0.68
C GLY A 22 4.14 1.29 -0.07
N CYS A 23 3.07 1.02 0.67
CA CYS A 23 1.77 0.74 0.07
C CYS A 23 1.19 2.00 -0.57
N GLY A 24 -0.03 1.89 -1.07
CA GLY A 24 -0.69 3.02 -1.71
C GLY A 24 -2.13 2.75 -2.05
N ALA A 25 -3.00 3.69 -1.74
CA ALA A 25 -4.43 3.55 -2.01
C ALA A 25 -4.83 4.36 -3.25
N VAL A 26 -6.08 4.17 -3.69
CA VAL A 26 -6.58 4.89 -4.85
C VAL A 26 -6.50 6.40 -4.65
N ASN A 27 -5.82 7.07 -5.57
CA ASN A 27 -5.66 8.53 -5.49
C ASN A 27 -4.96 8.93 -4.20
N GLY A 28 -4.08 8.06 -3.71
CA GLY A 28 -3.35 8.35 -2.49
C GLY A 28 -4.26 8.48 -1.28
N LEU A 29 -5.45 7.87 -1.37
CA LEU A 29 -6.41 7.91 -0.28
C LEU A 29 -5.83 7.30 0.99
N PRO A 30 -6.11 7.94 2.13
CA PRO A 30 -5.63 7.49 3.43
C PRO A 30 -6.30 6.20 3.89
N SER A 1 -5.73 5.40 2.23
CA SER A 1 -6.26 4.06 2.47
C SER A 1 -5.21 3.18 3.12
N CYS A 2 -4.00 3.20 2.57
CA CYS A 2 -2.91 2.38 3.09
C CYS A 2 -1.62 3.20 3.18
N ASN A 3 -1.08 3.31 4.39
CA ASN A 3 0.15 4.07 4.60
C ASN A 3 1.12 3.28 5.48
N ASN A 4 1.55 2.13 4.99
CA ASN A 4 2.48 1.28 5.72
C ASN A 4 3.62 0.81 4.82
N SER A 5 4.59 0.12 5.41
CA SER A 5 5.74 -0.38 4.67
C SER A 5 5.51 -1.81 4.21
N CYS A 6 6.03 -2.14 3.03
CA CYS A 6 5.88 -3.49 2.49
C CYS A 6 6.85 -3.72 1.33
N GLN A 7 7.06 -4.98 0.98
CA GLN A 7 7.97 -5.32 -0.11
C GLN A 7 7.26 -6.20 -1.14
N SER A 8 6.49 -7.17 -0.66
CA SER A 8 5.76 -8.08 -1.54
C SER A 8 4.30 -8.18 -1.13
N HIS A 9 3.62 -7.04 -1.10
CA HIS A 9 2.21 -7.00 -0.72
C HIS A 9 2.00 -7.64 0.65
N SER A 10 2.92 -7.39 1.57
CA SER A 10 2.84 -7.94 2.91
C SER A 10 1.87 -7.15 3.77
N ASP A 11 2.20 -5.88 4.02
CA ASP A 11 1.36 -5.00 4.82
C ASP A 11 0.17 -4.51 4.01
N CYS A 12 0.34 -4.47 2.69
CA CYS A 12 -0.73 -4.01 1.81
C CYS A 12 -2.03 -4.74 2.09
N ALA A 13 -3.15 -4.00 2.03
CA ALA A 13 -4.46 -4.59 2.28
C ALA A 13 -5.55 -3.80 1.55
N SER A 14 -6.76 -4.33 1.57
CA SER A 14 -7.89 -3.70 0.91
C SER A 14 -7.56 -3.37 -0.54
N HIS A 15 -6.82 -4.27 -1.19
CA HIS A 15 -6.43 -4.08 -2.59
C HIS A 15 -5.54 -2.85 -2.74
N CYS A 16 -4.42 -2.84 -2.01
CA CYS A 16 -3.48 -1.73 -2.06
C CYS A 16 -2.17 -2.15 -2.73
N ILE A 17 -1.62 -1.26 -3.55
CA ILE A 17 -0.37 -1.55 -4.26
C ILE A 17 0.82 -1.35 -3.34
N CYS A 18 1.85 -2.18 -3.52
CA CYS A 18 3.06 -2.08 -2.70
C CYS A 18 4.29 -1.90 -3.58
N THR A 19 5.13 -0.93 -3.22
CA THR A 19 6.34 -0.65 -3.98
C THR A 19 7.50 -0.31 -3.05
N PHE A 20 8.65 0.00 -3.64
CA PHE A 20 9.84 0.35 -2.86
C PHE A 20 9.55 1.50 -1.91
N ARG A 21 8.57 2.32 -2.26
CA ARG A 21 8.19 3.46 -1.43
C ARG A 21 7.02 3.11 -0.51
N GLY A 22 6.96 1.85 -0.10
CA GLY A 22 5.88 1.40 0.77
C GLY A 22 4.57 1.23 0.03
N CYS A 23 3.53 0.86 0.76
CA CYS A 23 2.21 0.65 0.17
C CYS A 23 1.47 1.98 0.01
N GLY A 24 0.81 2.15 -1.13
CA GLY A 24 0.06 3.36 -1.39
C GLY A 24 -1.44 3.14 -1.40
N ALA A 25 -2.19 4.20 -1.70
CA ALA A 25 -3.64 4.11 -1.75
C ALA A 25 -4.16 4.41 -3.15
N VAL A 26 -5.48 4.49 -3.28
CA VAL A 26 -6.10 4.77 -4.57
C VAL A 26 -7.31 5.69 -4.41
N ASN A 27 -7.75 6.28 -5.51
CA ASN A 27 -8.90 7.18 -5.50
C ASN A 27 -8.60 8.42 -4.66
N GLY A 28 -7.32 8.63 -4.36
CA GLY A 28 -6.93 9.78 -3.56
C GLY A 28 -7.41 9.69 -2.13
N LEU A 29 -7.24 8.52 -1.52
CA LEU A 29 -7.66 8.31 -0.15
C LEU A 29 -6.48 7.94 0.75
N PRO A 30 -6.65 8.11 2.06
CA PRO A 30 -5.60 7.79 3.05
C PRO A 30 -5.35 6.28 3.17
N SER A 1 -5.25 5.39 3.18
CA SER A 1 -5.74 4.14 3.76
C SER A 1 -4.59 3.19 4.03
N CYS A 2 -4.04 2.61 2.97
CA CYS A 2 -2.93 1.68 3.09
C CYS A 2 -1.59 2.40 2.98
N ASN A 3 -0.95 2.62 4.12
CA ASN A 3 0.34 3.30 4.16
C ASN A 3 1.30 2.61 5.13
N ASN A 4 2.13 1.71 4.59
CA ASN A 4 3.09 0.99 5.40
C ASN A 4 4.41 0.82 4.67
N SER A 5 5.30 0.00 5.23
CA SER A 5 6.60 -0.25 4.62
C SER A 5 6.58 -1.51 3.77
N CYS A 6 5.38 -2.04 3.54
CA CYS A 6 5.22 -3.25 2.74
C CYS A 6 5.96 -3.13 1.40
N GLN A 7 6.64 -4.20 1.02
CA GLN A 7 7.39 -4.21 -0.23
C GLN A 7 6.69 -5.09 -1.27
N SER A 8 6.05 -6.15 -0.81
CA SER A 8 5.35 -7.07 -1.70
C SER A 8 4.10 -7.62 -1.04
N HIS A 9 3.02 -6.84 -1.07
CA HIS A 9 1.76 -7.25 -0.47
C HIS A 9 2.00 -7.96 0.86
N SER A 10 2.95 -7.46 1.63
CA SER A 10 3.28 -8.06 2.92
C SER A 10 2.28 -7.60 4.00
N ASP A 11 2.15 -6.30 4.16
CA ASP A 11 1.23 -5.73 5.15
C ASP A 11 -0.01 -5.16 4.47
N CYS A 12 0.13 -4.81 3.20
CA CYS A 12 -0.98 -4.24 2.43
C CYS A 12 -2.19 -5.18 2.44
N ALA A 13 -3.36 -4.63 2.19
CA ALA A 13 -4.59 -5.43 2.16
C ALA A 13 -5.68 -4.72 1.38
N SER A 14 -6.72 -5.47 1.02
CA SER A 14 -7.84 -4.90 0.27
C SER A 14 -7.38 -4.41 -1.09
N HIS A 15 -6.67 -5.26 -1.82
CA HIS A 15 -6.17 -4.91 -3.15
C HIS A 15 -5.42 -3.57 -3.11
N CYS A 16 -4.52 -3.44 -2.14
CA CYS A 16 -3.73 -2.23 -1.99
C CYS A 16 -2.32 -2.42 -2.53
N ILE A 17 -2.01 -1.73 -3.62
CA ILE A 17 -0.70 -1.83 -4.24
C ILE A 17 0.41 -1.51 -3.24
N CYS A 18 1.48 -2.30 -3.29
CA CYS A 18 2.61 -2.10 -2.38
C CYS A 18 3.90 -1.90 -3.16
N THR A 19 4.34 -0.66 -3.26
CA THR A 19 5.57 -0.33 -3.98
C THR A 19 6.67 0.12 -3.03
N PHE A 20 7.78 0.59 -3.59
CA PHE A 20 8.91 1.05 -2.79
C PHE A 20 8.48 2.19 -1.86
N ARG A 21 7.39 2.87 -2.23
CA ARG A 21 6.89 3.98 -1.44
C ARG A 21 5.81 3.52 -0.48
N GLY A 22 5.80 2.22 -0.17
CA GLY A 22 4.82 1.66 0.74
C GLY A 22 3.51 1.33 0.04
N CYS A 23 2.50 0.97 0.83
CA CYS A 23 1.20 0.62 0.28
C CYS A 23 0.54 1.82 -0.38
N GLY A 24 -0.62 1.58 -1.00
CA GLY A 24 -1.33 2.66 -1.66
C GLY A 24 -2.82 2.39 -1.76
N ALA A 25 -3.60 3.46 -1.79
CA ALA A 25 -5.06 3.34 -1.86
C ALA A 25 -5.58 3.99 -3.15
N VAL A 26 -6.87 3.79 -3.41
CA VAL A 26 -7.51 4.36 -4.60
C VAL A 26 -7.23 5.85 -4.70
N ASN A 27 -6.85 6.29 -5.90
CA ASN A 27 -6.56 7.70 -6.14
C ASN A 27 -5.49 8.20 -5.17
N GLY A 28 -4.65 7.30 -4.70
CA GLY A 28 -3.59 7.66 -3.77
C GLY A 28 -4.12 8.43 -2.58
N LEU A 29 -4.60 7.71 -1.57
CA LEU A 29 -5.13 8.33 -0.36
C LEU A 29 -4.68 7.59 0.88
N PRO A 30 -4.75 8.26 2.04
CA PRO A 30 -4.36 7.68 3.32
C PRO A 30 -5.31 6.58 3.79
#